data_2BEJ
#
_entry.id   2BEJ
#
_cell.length_a   61.361
_cell.length_b   61.361
_cell.length_c   126.648
_cell.angle_alpha   90.00
_cell.angle_beta   90.00
_cell.angle_gamma   90.00
#
_symmetry.space_group_name_H-M   'P 43 21 2'
#
loop_
_entity.id
_entity.type
_entity.pdbx_description
1 polymer 'SEGREGATION PROTEIN'
2 non-polymer "ADENOSINE-5'-DIPHOSPHATE"
3 non-polymer 'MAGNESIUM ION'
4 water water
#
_entity_poly.entity_id   1
_entity_poly.type   'polypeptide(L)'
_entity_poly.pdbx_seq_one_letter_code
;MLRAKVRRIALANQKGGVGKTTTAINLAAYLARLGKRVLLVDLDPQGNATSGLGVRAERGVYHLLQGEPLEGLVHPVDGF
HLLPATPDLVGATVELAGAPTALREALRDEGYDLVLLDAPPSLSPLTLNALAAAEGVVVPVQAEYYALEGVAGLLATLEE
VRAGLNPRLRLLGILVTMYDGRTLLAQQVEAQLRAHFGEKVFWTVIPRNVRLAEAPSFGKTIAQHAPTSPGAHAYRRLAE
EVMARVQEAGSHHHHHH
;
_entity_poly.pdbx_strand_id   A
#
# COMPACT_ATOMS: atom_id res chain seq x y z
N LYS A 5 -2.22 -3.25 -18.13
CA LYS A 5 -3.27 -3.81 -17.24
C LYS A 5 -2.74 -3.90 -15.80
N VAL A 6 -3.12 -2.93 -14.97
CA VAL A 6 -2.65 -2.85 -13.59
C VAL A 6 -3.58 -3.62 -12.62
N ARG A 7 -3.01 -4.65 -12.00
CA ARG A 7 -3.72 -5.50 -11.04
C ARG A 7 -3.09 -5.41 -9.65
N ARG A 8 -1.76 -5.54 -9.60
CA ARG A 8 -1.05 -5.51 -8.32
C ARG A 8 -0.46 -4.13 -8.09
N ILE A 9 -0.76 -3.56 -6.93
CA ILE A 9 -0.32 -2.22 -6.60
C ILE A 9 0.45 -2.27 -5.30
N ALA A 10 1.70 -1.84 -5.35
CA ALA A 10 2.54 -1.75 -4.17
C ALA A 10 2.37 -0.39 -3.51
N LEU A 11 2.36 -0.41 -2.18
CA LEU A 11 2.34 0.81 -1.37
C LEU A 11 3.74 0.88 -0.80
N ALA A 12 4.52 1.86 -1.24
CA ALA A 12 5.93 1.91 -0.90
C ALA A 12 6.52 3.30 -0.80
N ASN A 13 7.53 3.44 0.05
CA ASN A 13 8.41 4.60 0.12
C ASN A 13 9.59 4.32 1.05
N GLN A 14 10.55 5.23 1.10
CA GLN A 14 11.74 5.05 1.94
C GLN A 14 11.34 4.88 3.42
N LYS A 15 10.67 5.90 3.95
CA LYS A 15 10.42 6.06 5.39
C LYS A 15 9.27 5.20 5.90
N GLY A 16 9.18 5.10 7.22
CA GLY A 16 7.98 4.57 7.86
C GLY A 16 7.11 5.73 8.33
N GLY A 17 5.94 5.40 8.87
CA GLY A 17 5.05 6.39 9.47
C GLY A 17 4.41 7.38 8.51
N VAL A 18 4.44 7.04 7.22
CA VAL A 18 4.00 7.94 6.17
C VAL A 18 2.61 7.60 5.57
N GLY A 19 2.05 6.47 6.00
CA GLY A 19 0.65 6.15 5.65
C GLY A 19 0.44 5.02 4.66
N LYS A 20 1.48 4.20 4.44
CA LYS A 20 1.40 3.01 3.58
C LYS A 20 0.31 2.05 4.06
N THR A 21 0.44 1.62 5.31
CA THR A 21 -0.51 0.66 5.90
C THR A 21 -1.93 1.23 5.91
N THR A 22 -2.08 2.46 6.40
CA THR A 22 -3.39 3.15 6.41
C THR A 22 -4.03 3.20 5.00
N THR A 23 -3.21 3.44 4.00
CA THR A 23 -3.71 3.56 2.62
C THR A 23 -4.06 2.17 2.10
N ALA A 24 -3.20 1.19 2.37
CA ALA A 24 -3.45 -0.20 1.98
C ALA A 24 -4.79 -0.69 2.53
N ILE A 25 -4.99 -0.50 3.84
CA ILE A 25 -6.17 -0.99 4.51
C ILE A 25 -7.42 -0.30 3.95
N ASN A 26 -7.38 1.02 3.87
CA ASN A 26 -8.58 1.78 3.51
C ASN A 26 -8.93 1.79 2.03
N LEU A 27 -7.92 1.72 1.16
CA LEU A 27 -8.15 1.45 -0.26
C LEU A 27 -8.84 0.11 -0.47
N ALA A 28 -8.36 -0.93 0.22
CA ALA A 28 -9.02 -2.23 0.18
C ALA A 28 -10.47 -2.11 0.60
N ALA A 29 -10.72 -1.46 1.73
CA ALA A 29 -12.08 -1.23 2.24
C ALA A 29 -13.00 -0.63 1.18
N TYR A 30 -12.53 0.39 0.46
CA TYR A 30 -13.40 1.07 -0.51
C TYR A 30 -13.39 0.48 -1.92
N LEU A 31 -12.30 -0.19 -2.31
CA LEU A 31 -12.30 -0.92 -3.57
C LEU A 31 -13.23 -2.14 -3.52
N ALA A 32 -13.27 -2.82 -2.36
CA ALA A 32 -14.23 -3.92 -2.15
C ALA A 32 -15.65 -3.39 -2.27
N ARG A 33 -15.88 -2.24 -1.66
CA ARG A 33 -17.17 -1.56 -1.71
C ARG A 33 -17.53 -1.10 -3.13
N LEU A 34 -16.52 -0.96 -3.99
CA LEU A 34 -16.74 -0.63 -5.40
C LEU A 34 -17.07 -1.87 -6.22
N GLY A 35 -17.08 -3.03 -5.56
CA GLY A 35 -17.45 -4.28 -6.20
C GLY A 35 -16.26 -5.05 -6.77
N LYS A 36 -15.06 -4.68 -6.33
CA LYS A 36 -13.84 -5.39 -6.72
C LYS A 36 -13.47 -6.48 -5.73
N ARG A 37 -12.90 -7.57 -6.25
CA ARG A 37 -12.36 -8.64 -5.42
C ARG A 37 -10.90 -8.30 -5.10
N VAL A 38 -10.65 -8.01 -3.82
CA VAL A 38 -9.38 -7.42 -3.39
C VAL A 38 -8.65 -8.35 -2.46
N LEU A 39 -7.35 -8.50 -2.69
CA LEU A 39 -6.47 -9.17 -1.75
C LEU A 39 -5.48 -8.14 -1.19
N LEU A 40 -5.45 -8.03 0.13
CA LEU A 40 -4.46 -7.21 0.80
C LEU A 40 -3.35 -8.13 1.32
N VAL A 41 -2.11 -7.88 0.90
CA VAL A 41 -0.96 -8.70 1.32
C VAL A 41 -0.03 -7.90 2.23
N ASP A 42 0.12 -8.39 3.46
CA ASP A 42 0.94 -7.73 4.46
C ASP A 42 2.39 -8.26 4.40
N LEU A 43 3.29 -7.42 3.89
CA LEU A 43 4.69 -7.81 3.69
C LEU A 43 5.63 -7.24 4.75
N ASP A 44 5.05 -6.69 5.81
CA ASP A 44 5.83 -6.13 6.91
C ASP A 44 5.92 -7.12 8.06
N PRO A 45 7.14 -7.54 8.45
CA PRO A 45 7.29 -8.41 9.63
C PRO A 45 6.59 -7.87 10.88
N GLN A 46 6.54 -6.56 11.06
CA GLN A 46 5.85 -5.95 12.20
C GLN A 46 4.33 -6.19 12.14
N GLY A 47 3.85 -6.58 10.96
CA GLY A 47 2.47 -6.99 10.75
C GLY A 47 1.41 -5.95 11.07
N ASN A 48 1.73 -4.67 10.86
CA ASN A 48 0.83 -3.56 11.18
C ASN A 48 -0.54 -3.61 10.48
N ALA A 49 -0.57 -4.08 9.23
CA ALA A 49 -1.85 -4.20 8.51
C ALA A 49 -2.70 -5.32 9.08
N THR A 50 -2.05 -6.42 9.41
CA THR A 50 -2.70 -7.57 10.04
C THR A 50 -3.30 -7.17 11.39
N SER A 51 -2.50 -6.47 12.20
CA SER A 51 -2.94 -5.98 13.50
C SER A 51 -4.03 -4.92 13.37
N GLY A 52 -3.85 -4.00 12.43
CA GLY A 52 -4.79 -2.92 12.20
C GLY A 52 -6.15 -3.41 11.70
N LEU A 53 -6.19 -4.67 11.28
CA LEU A 53 -7.44 -5.29 10.85
C LEU A 53 -8.06 -6.22 11.90
N GLY A 54 -7.42 -6.29 13.08
CA GLY A 54 -7.95 -7.03 14.22
C GLY A 54 -7.64 -8.51 14.20
N VAL A 55 -6.69 -8.88 13.33
CA VAL A 55 -6.44 -10.29 13.05
C VAL A 55 -5.15 -10.77 13.71
N ARG A 56 -5.23 -11.95 14.32
CA ARG A 56 -4.06 -12.65 14.82
C ARG A 56 -3.86 -13.95 14.04
N ALA A 57 -2.74 -14.02 13.32
CA ALA A 57 -2.45 -15.17 12.46
C ALA A 57 -1.23 -15.96 12.92
N GLU A 58 -1.29 -17.27 12.68
CA GLU A 58 -0.14 -18.15 12.85
C GLU A 58 0.52 -18.40 11.51
N ARG A 59 -0.27 -18.29 10.45
CA ARG A 59 0.18 -18.55 9.09
C ARG A 59 -0.12 -17.36 8.18
N GLY A 60 0.85 -17.01 7.33
CA GLY A 60 0.68 -15.90 6.39
C GLY A 60 1.58 -16.00 5.17
N VAL A 61 2.15 -14.84 4.80
CA VAL A 61 3.03 -14.72 3.64
C VAL A 61 4.23 -15.70 3.71
N TYR A 62 4.80 -15.86 4.90
CA TYR A 62 5.92 -16.79 5.11
C TYR A 62 5.56 -18.17 4.57
N HIS A 63 4.36 -18.62 4.92
CA HIS A 63 3.85 -19.93 4.56
C HIS A 63 3.42 -20.02 3.10
N LEU A 64 3.12 -18.86 2.49
CA LEU A 64 2.82 -18.80 1.05
C LEU A 64 4.08 -19.05 0.23
N LEU A 65 5.20 -18.53 0.71
CA LEU A 65 6.49 -18.64 0.03
C LEU A 65 7.09 -20.05 0.14
N GLN A 66 6.70 -20.79 1.16
CA GLN A 66 7.08 -22.19 1.33
C GLN A 66 6.26 -23.16 0.46
N GLY A 67 5.12 -22.70 -0.04
CA GLY A 67 4.32 -23.49 -0.97
C GLY A 67 2.89 -23.75 -0.55
N GLU A 68 2.54 -23.40 0.69
CA GLU A 68 1.19 -23.64 1.22
C GLU A 68 0.13 -22.79 0.51
N PRO A 69 -1.04 -23.40 0.17
CA PRO A 69 -2.10 -22.79 -0.64
C PRO A 69 -2.52 -21.39 -0.18
N LEU A 70 -2.90 -20.55 -1.14
CA LEU A 70 -3.39 -19.20 -0.87
C LEU A 70 -4.74 -19.21 -0.18
N GLU A 71 -5.63 -20.10 -0.61
CA GLU A 71 -7.00 -20.16 -0.09
C GLU A 71 -7.09 -20.40 1.42
N GLY A 72 -6.19 -21.24 1.94
CA GLY A 72 -6.19 -21.58 3.36
C GLY A 72 -5.29 -20.71 4.23
N LEU A 73 -4.83 -19.59 3.66
CA LEU A 73 -3.98 -18.63 4.39
C LEU A 73 -4.67 -17.27 4.56
N VAL A 74 -5.64 -16.96 3.69
CA VAL A 74 -6.30 -15.65 3.70
C VAL A 74 -7.41 -15.56 4.75
N HIS A 75 -7.63 -14.35 5.26
CA HIS A 75 -8.66 -14.08 6.26
C HIS A 75 -9.67 -13.08 5.72
N PRO A 76 -10.97 -13.44 5.74
CA PRO A 76 -12.01 -12.50 5.31
C PRO A 76 -12.09 -11.29 6.25
N VAL A 77 -11.94 -10.10 5.68
CA VAL A 77 -11.95 -8.85 6.45
C VAL A 77 -12.69 -7.79 5.64
N ASP A 78 -13.74 -7.22 6.26
CA ASP A 78 -14.47 -6.07 5.73
C ASP A 78 -14.78 -6.12 4.22
N GLY A 79 -15.15 -7.30 3.74
CA GLY A 79 -15.48 -7.49 2.32
C GLY A 79 -14.28 -7.73 1.40
N PHE A 80 -13.08 -7.80 1.97
CA PHE A 80 -11.90 -8.24 1.21
C PHE A 80 -11.20 -9.40 1.90
N HIS A 81 -10.05 -9.78 1.34
CA HIS A 81 -9.24 -10.87 1.88
C HIS A 81 -7.88 -10.33 2.27
N LEU A 82 -7.43 -10.71 3.46
CA LEU A 82 -6.10 -10.36 3.93
C LEU A 82 -5.20 -11.60 3.92
N LEU A 83 -4.04 -11.47 3.28
CA LEU A 83 -2.97 -12.46 3.37
C LEU A 83 -2.01 -11.90 4.43
N PRO A 84 -2.17 -12.36 5.68
CA PRO A 84 -1.52 -11.76 6.85
C PRO A 84 -0.02 -11.92 6.92
N ALA A 85 0.62 -11.11 7.77
CA ALA A 85 2.00 -11.27 8.14
C ALA A 85 2.04 -11.89 9.51
N THR A 86 2.99 -12.80 9.68
CA THR A 86 3.13 -13.53 10.91
C THR A 86 4.53 -13.19 11.46
N PRO A 87 4.75 -13.36 12.78
CA PRO A 87 6.05 -13.09 13.41
C PRO A 87 7.23 -13.89 12.85
N ASP A 88 6.94 -14.86 11.98
CA ASP A 88 7.98 -15.64 11.32
C ASP A 88 8.59 -14.91 10.12
N LEU A 89 7.79 -14.08 9.44
CA LEU A 89 8.15 -13.47 8.15
C LEU A 89 9.60 -12.97 8.05
N VAL A 90 10.09 -12.40 9.15
CA VAL A 90 11.47 -11.94 9.26
C VAL A 90 12.50 -12.98 8.76
N GLY A 91 12.20 -14.25 8.95
CA GLY A 91 13.11 -15.35 8.57
C GLY A 91 13.12 -15.71 7.09
N ALA A 92 12.44 -14.91 6.28
CA ALA A 92 12.43 -15.06 4.82
C ALA A 92 13.32 -14.00 4.16
N THR A 93 13.57 -12.91 4.88
CA THR A 93 14.38 -11.79 4.42
C THR A 93 15.70 -12.24 3.78
N VAL A 94 16.39 -13.18 4.44
CA VAL A 94 17.68 -13.64 3.97
C VAL A 94 17.56 -14.48 2.69
N GLU A 95 16.51 -15.30 2.60
CA GLU A 95 16.24 -16.08 1.39
C GLU A 95 15.76 -15.20 0.24
N LEU A 96 14.86 -14.25 0.54
CA LEU A 96 14.35 -13.28 -0.44
C LEU A 96 15.44 -12.34 -0.95
N ALA A 97 16.44 -12.07 -0.11
CA ALA A 97 17.64 -11.37 -0.53
C ALA A 97 18.38 -12.31 -1.49
N GLY A 98 18.49 -11.89 -2.74
CA GLY A 98 19.02 -12.77 -3.79
C GLY A 98 17.91 -13.42 -4.60
N ALA A 99 16.68 -13.35 -4.09
CA ALA A 99 15.50 -13.87 -4.80
C ALA A 99 14.40 -12.79 -4.87
N PRO A 100 14.60 -11.73 -5.68
CA PRO A 100 13.64 -10.62 -5.67
C PRO A 100 12.30 -10.98 -6.32
N THR A 101 12.29 -11.99 -7.18
CA THR A 101 11.08 -12.38 -7.91
C THR A 101 10.30 -13.52 -7.24
N ALA A 102 10.67 -13.86 -6.00
CA ALA A 102 10.04 -14.96 -5.27
C ALA A 102 8.55 -14.73 -5.02
N LEU A 103 8.20 -13.51 -4.59
CA LEU A 103 6.81 -13.14 -4.38
C LEU A 103 6.03 -13.18 -5.70
N ARG A 104 6.64 -12.68 -6.76
CA ARG A 104 6.04 -12.69 -8.09
C ARG A 104 5.60 -14.10 -8.52
N GLU A 105 6.43 -15.11 -8.22
CA GLU A 105 6.10 -16.50 -8.55
C GLU A 105 5.07 -17.10 -7.59
N ALA A 106 5.25 -16.84 -6.29
CA ALA A 106 4.38 -17.38 -5.25
C ALA A 106 2.94 -16.84 -5.27
N LEU A 107 2.75 -15.63 -5.83
CA LEU A 107 1.42 -15.04 -5.96
C LEU A 107 0.64 -15.64 -7.13
N ARG A 108 -0.25 -16.58 -6.80
CA ARG A 108 -1.11 -17.22 -7.79
C ARG A 108 -2.50 -16.64 -7.65
N ASP A 109 -2.57 -15.32 -7.63
CA ASP A 109 -3.78 -14.56 -7.28
C ASP A 109 -4.71 -14.28 -8.47
N GLU A 110 -4.83 -15.27 -9.35
CA GLU A 110 -5.65 -15.15 -10.58
C GLU A 110 -7.11 -14.73 -10.32
N GLY A 111 -7.69 -15.17 -9.20
CA GLY A 111 -9.08 -14.87 -8.86
C GLY A 111 -9.42 -13.44 -8.49
N TYR A 112 -8.44 -12.72 -7.93
CA TYR A 112 -8.65 -11.36 -7.43
C TYR A 112 -8.57 -10.31 -8.53
N ASP A 113 -9.36 -9.24 -8.40
CA ASP A 113 -9.33 -8.12 -9.34
C ASP A 113 -8.13 -7.24 -9.09
N LEU A 114 -7.92 -6.90 -7.82
CA LEU A 114 -6.84 -5.99 -7.41
C LEU A 114 -6.08 -6.57 -6.23
N VAL A 115 -4.77 -6.42 -6.25
CA VAL A 115 -3.92 -6.92 -5.15
C VAL A 115 -3.09 -5.77 -4.59
N LEU A 116 -3.25 -5.52 -3.29
CA LEU A 116 -2.52 -4.46 -2.61
C LEU A 116 -1.36 -5.03 -1.79
N LEU A 117 -0.14 -4.61 -2.13
CA LEU A 117 1.06 -5.08 -1.42
C LEU A 117 1.57 -4.02 -0.45
N ASP A 118 1.29 -4.21 0.83
CA ASP A 118 1.74 -3.30 1.85
C ASP A 118 3.20 -3.61 2.20
N ALA A 119 4.12 -2.78 1.71
CA ALA A 119 5.55 -2.99 1.89
C ALA A 119 6.08 -2.42 3.21
N PRO A 120 7.15 -3.03 3.78
CA PRO A 120 7.74 -2.47 4.99
C PRO A 120 8.46 -1.14 4.73
N PRO A 121 8.72 -0.33 5.78
CA PRO A 121 9.37 0.98 5.69
C PRO A 121 10.85 0.90 5.32
N SER A 122 11.22 -0.08 4.51
CA SER A 122 12.60 -0.21 4.08
C SER A 122 12.63 -0.26 2.56
N LEU A 123 13.82 -0.54 2.03
CA LEU A 123 13.95 -1.21 0.74
C LEU A 123 14.57 -2.58 0.99
N SER A 124 13.96 -3.31 1.93
CA SER A 124 14.37 -4.67 2.25
C SER A 124 14.01 -5.59 1.07
N PRO A 125 14.53 -6.83 1.08
CA PRO A 125 14.12 -7.80 0.06
C PRO A 125 12.60 -7.96 -0.07
N LEU A 126 11.86 -7.74 1.02
CA LEU A 126 10.39 -7.79 1.03
C LEU A 126 9.76 -6.63 0.26
N THR A 127 10.34 -5.45 0.41
CA THR A 127 9.94 -4.27 -0.39
C THR A 127 10.30 -4.50 -1.86
N LEU A 128 11.49 -5.05 -2.09
CA LEU A 128 11.94 -5.31 -3.44
C LEU A 128 11.10 -6.39 -4.10
N ASN A 129 10.72 -7.40 -3.33
CA ASN A 129 9.79 -8.43 -3.76
C ASN A 129 8.44 -7.82 -4.15
N ALA A 130 7.98 -6.85 -3.36
CA ALA A 130 6.75 -6.11 -3.66
C ALA A 130 6.87 -5.42 -5.02
N LEU A 131 7.94 -4.65 -5.20
CA LEU A 131 8.19 -3.89 -6.44
C LEU A 131 8.30 -4.77 -7.67
N ALA A 132 8.97 -5.91 -7.51
CA ALA A 132 9.16 -6.88 -8.59
C ALA A 132 7.87 -7.58 -9.00
N ALA A 133 6.93 -7.70 -8.06
CA ALA A 133 5.66 -8.38 -8.30
C ALA A 133 4.50 -7.46 -8.73
N ALA A 134 4.67 -6.14 -8.58
CA ALA A 134 3.59 -5.19 -8.84
C ALA A 134 3.61 -4.61 -10.26
N GLU A 135 2.46 -4.10 -10.72
CA GLU A 135 2.40 -3.29 -11.94
C GLU A 135 2.31 -1.79 -11.62
N GLY A 136 1.74 -1.46 -10.46
CA GLY A 136 1.56 -0.07 -10.06
C GLY A 136 2.14 0.19 -8.68
N VAL A 137 2.55 1.44 -8.46
CA VAL A 137 3.06 1.86 -7.17
C VAL A 137 2.35 3.13 -6.71
N VAL A 138 1.81 3.08 -5.50
CA VAL A 138 1.33 4.27 -4.84
C VAL A 138 2.34 4.63 -3.75
N VAL A 139 2.80 5.88 -3.79
CA VAL A 139 3.82 6.37 -2.88
C VAL A 139 3.18 7.40 -1.93
N PRO A 140 2.85 7.00 -0.70
CA PRO A 140 2.35 7.96 0.28
C PRO A 140 3.46 8.88 0.78
N VAL A 141 3.18 10.18 0.89
CA VAL A 141 4.13 11.14 1.42
C VAL A 141 3.39 12.15 2.31
N GLN A 142 4.02 12.60 3.39
CA GLN A 142 3.52 13.75 4.14
C GLN A 142 3.76 14.99 3.34
N ALA A 143 2.87 15.98 3.47
CA ALA A 143 3.12 17.30 2.93
C ALA A 143 4.11 18.03 3.82
N GLU A 144 5.35 17.53 3.83
CA GLU A 144 6.46 18.10 4.60
C GLU A 144 7.66 18.20 3.66
N TYR A 145 8.58 19.12 3.93
CA TYR A 145 9.62 19.43 2.92
C TYR A 145 10.56 18.31 2.46
N TYR A 146 10.86 17.36 3.34
CA TYR A 146 11.72 16.23 2.96
C TYR A 146 11.11 15.37 1.84
N ALA A 147 9.79 15.47 1.67
CA ALA A 147 9.04 14.63 0.74
C ALA A 147 9.55 14.71 -0.70
N LEU A 148 9.99 15.89 -1.12
CA LEU A 148 10.49 16.09 -2.48
C LEU A 148 11.71 15.24 -2.80
N GLU A 149 12.62 15.11 -1.84
CA GLU A 149 13.81 14.29 -1.99
C GLU A 149 13.44 12.82 -1.88
N GLY A 150 12.70 12.49 -0.83
CA GLY A 150 12.20 11.14 -0.62
C GLY A 150 11.50 10.60 -1.86
N VAL A 151 10.70 11.45 -2.50
CA VAL A 151 9.95 11.06 -3.70
C VAL A 151 10.89 10.81 -4.87
N ALA A 152 11.76 11.80 -5.16
CA ALA A 152 12.77 11.68 -6.22
C ALA A 152 13.63 10.43 -6.10
N GLY A 153 14.00 10.08 -4.87
CA GLY A 153 14.76 8.87 -4.60
C GLY A 153 13.98 7.61 -4.90
N LEU A 154 12.74 7.55 -4.40
CA LEU A 154 11.84 6.44 -4.68
C LEU A 154 11.63 6.29 -6.18
N LEU A 155 11.37 7.40 -6.88
CA LEU A 155 11.21 7.38 -8.34
C LEU A 155 12.42 6.82 -9.08
N ALA A 156 13.62 7.18 -8.62
CA ALA A 156 14.85 6.60 -9.15
C ALA A 156 14.96 5.10 -8.85
N THR A 157 14.50 4.69 -7.66
CA THR A 157 14.46 3.27 -7.32
C THR A 157 13.51 2.54 -8.28
N LEU A 158 12.33 3.12 -8.50
CA LEU A 158 11.33 2.55 -9.42
C LEU A 158 11.89 2.34 -10.83
N GLU A 159 12.62 3.36 -11.29
CA GLU A 159 13.28 3.33 -12.59
C GLU A 159 14.28 2.17 -12.66
N GLU A 160 15.03 1.96 -11.58
CA GLU A 160 16.04 0.91 -11.51
C GLU A 160 15.41 -0.48 -11.49
N VAL A 161 14.35 -0.65 -10.70
CA VAL A 161 13.61 -1.91 -10.65
C VAL A 161 12.95 -2.21 -12.03
N ARG A 162 12.42 -1.17 -12.69
CA ARG A 162 11.84 -1.32 -14.03
C ARG A 162 12.88 -1.75 -15.06
N ALA A 163 14.09 -1.23 -14.94
CA ALA A 163 15.17 -1.54 -15.87
C ALA A 163 15.79 -2.92 -15.66
N GLY A 164 15.70 -3.45 -14.44
CA GLY A 164 16.44 -4.67 -14.10
C GLY A 164 15.63 -5.88 -13.65
N LEU A 165 14.45 -5.63 -13.08
CA LEU A 165 13.67 -6.68 -12.44
C LEU A 165 12.26 -6.81 -13.02
N ASN A 166 11.63 -5.66 -13.28
CA ASN A 166 10.20 -5.64 -13.58
C ASN A 166 9.80 -4.51 -14.53
N PRO A 167 9.88 -4.78 -15.85
CA PRO A 167 9.50 -3.81 -16.87
C PRO A 167 8.04 -3.37 -16.85
N ARG A 168 7.18 -4.08 -16.11
CA ARG A 168 5.78 -3.69 -15.96
C ARG A 168 5.59 -2.57 -14.92
N LEU A 169 6.62 -2.30 -14.13
CA LEU A 169 6.49 -1.38 -13.01
C LEU A 169 6.29 0.08 -13.45
N ARG A 170 5.23 0.69 -12.94
CA ARG A 170 4.97 2.09 -13.18
C ARG A 170 4.43 2.74 -11.93
N LEU A 171 4.75 4.01 -11.77
CA LEU A 171 4.16 4.83 -10.73
C LEU A 171 2.68 5.01 -11.04
N LEU A 172 1.81 4.50 -10.18
CA LEU A 172 0.38 4.86 -10.28
C LEU A 172 0.19 6.30 -9.81
N GLY A 173 0.74 6.62 -8.63
CA GLY A 173 0.65 7.97 -8.13
C GLY A 173 1.35 8.25 -6.82
N ILE A 174 1.58 9.53 -6.57
CA ILE A 174 2.09 10.02 -5.32
C ILE A 174 0.87 10.50 -4.54
N LEU A 175 0.71 10.01 -3.32
CA LEU A 175 -0.42 10.36 -2.49
C LEU A 175 -0.01 11.22 -1.29
N VAL A 176 -0.55 12.43 -1.20
CA VAL A 176 -0.32 13.27 -0.03
C VAL A 176 -1.22 12.78 1.11
N THR A 177 -0.61 12.35 2.21
CA THR A 177 -1.31 11.81 3.36
C THR A 177 -1.05 12.68 4.60
N MET A 178 -1.89 12.53 5.62
CA MET A 178 -1.77 13.27 6.89
C MET A 178 -1.61 14.77 6.67
N TYR A 179 -2.39 15.30 5.72
CA TYR A 179 -2.37 16.70 5.40
C TYR A 179 -2.98 17.44 6.59
N ASP A 180 -2.16 18.23 7.28
CA ASP A 180 -2.59 18.95 8.47
C ASP A 180 -3.26 20.26 8.06
N GLY A 181 -4.57 20.32 8.23
CA GLY A 181 -5.36 21.49 7.86
C GLY A 181 -5.20 22.71 8.76
N ARG A 182 -4.52 22.56 9.90
CA ARG A 182 -4.41 23.69 10.85
C ARG A 182 -3.34 24.69 10.42
N THR A 183 -2.63 24.39 9.34
CA THR A 183 -1.41 25.11 8.98
C THR A 183 -1.33 25.39 7.48
N LEU A 184 -0.67 26.48 7.10
CA LEU A 184 -0.50 26.82 5.69
C LEU A 184 0.68 26.11 5.01
N LEU A 185 1.50 25.43 5.81
CA LEU A 185 2.70 24.76 5.30
C LEU A 185 2.34 23.61 4.40
N ALA A 186 1.33 22.84 4.79
CA ALA A 186 0.84 21.72 4.01
C ALA A 186 0.38 22.16 2.62
N GLN A 187 -0.34 23.28 2.55
CA GLN A 187 -0.71 23.90 1.26
C GLN A 187 0.52 24.12 0.39
N GLN A 188 1.54 24.72 0.98
CA GLN A 188 2.75 25.08 0.25
C GLN A 188 3.53 23.87 -0.22
N VAL A 189 3.65 22.85 0.62
CA VAL A 189 4.34 21.63 0.19
C VAL A 189 3.53 20.90 -0.89
N GLU A 190 2.21 20.84 -0.73
CA GLU A 190 1.39 20.21 -1.77
C GLU A 190 1.64 20.90 -3.11
N ALA A 191 1.53 22.23 -3.12
CA ALA A 191 1.74 23.03 -4.33
C ALA A 191 3.11 22.79 -4.98
N GLN A 192 4.14 22.62 -4.16
CA GLN A 192 5.48 22.34 -4.67
C GLN A 192 5.60 20.92 -5.22
N LEU A 193 4.93 19.97 -4.56
CA LEU A 193 4.90 18.59 -5.03
C LEU A 193 4.24 18.50 -6.41
N ARG A 194 3.17 19.28 -6.59
CA ARG A 194 2.47 19.36 -7.87
C ARG A 194 3.28 20.13 -8.92
N ALA A 195 3.95 21.20 -8.49
CA ALA A 195 4.82 21.98 -9.38
C ALA A 195 5.92 21.10 -9.95
N HIS A 196 6.44 20.20 -9.13
CA HIS A 196 7.59 19.41 -9.50
C HIS A 196 7.26 18.06 -10.14
N PHE A 197 6.18 17.40 -9.69
CA PHE A 197 5.82 16.06 -10.19
C PHE A 197 4.56 16.03 -11.06
N GLY A 198 3.82 17.14 -11.09
CA GLY A 198 2.66 17.28 -11.96
C GLY A 198 1.56 16.24 -11.76
N GLU A 199 1.08 15.69 -12.88
CA GLU A 199 0.00 14.70 -12.91
C GLU A 199 0.29 13.42 -12.09
N LYS A 200 1.54 13.19 -11.73
CA LYS A 200 1.91 12.04 -10.90
C LYS A 200 1.32 12.12 -9.49
N VAL A 201 1.02 13.33 -9.02
CA VAL A 201 0.41 13.49 -7.70
C VAL A 201 -1.12 13.34 -7.77
N PHE A 202 -1.67 12.42 -6.98
CA PHE A 202 -3.13 12.24 -6.94
C PHE A 202 -3.80 13.56 -6.57
N TRP A 203 -4.99 13.80 -7.10
CA TRP A 203 -5.74 14.98 -6.67
C TRP A 203 -6.35 14.82 -5.28
N THR A 204 -6.77 13.60 -4.96
CA THR A 204 -7.28 13.28 -3.64
C THR A 204 -6.12 13.28 -2.63
N VAL A 205 -6.33 14.01 -1.54
CA VAL A 205 -5.36 14.19 -0.47
C VAL A 205 -6.02 13.70 0.82
N ILE A 206 -5.26 12.95 1.62
CA ILE A 206 -5.78 12.37 2.85
C ILE A 206 -5.51 13.30 4.03
N PRO A 207 -6.57 13.79 4.69
CA PRO A 207 -6.42 14.70 5.82
C PRO A 207 -5.86 13.96 7.04
N ARG A 208 -5.03 14.66 7.81
CA ARG A 208 -4.71 14.21 9.16
C ARG A 208 -6.01 14.32 9.95
N ASN A 209 -6.42 13.20 10.52
CA ASN A 209 -7.68 13.11 11.25
C ASN A 209 -7.60 12.03 12.34
N VAL A 210 -8.03 12.39 13.54
CA VAL A 210 -7.99 11.50 14.70
C VAL A 210 -8.66 10.14 14.47
N ARG A 211 -9.77 10.13 13.75
CA ARG A 211 -10.49 8.89 13.48
C ARG A 211 -9.68 7.88 12.68
N LEU A 212 -8.85 8.38 11.75
CA LEU A 212 -7.92 7.52 10.99
C LEU A 212 -6.84 6.93 11.87
N ALA A 213 -6.28 7.74 12.77
CA ALA A 213 -5.29 7.26 13.74
C ALA A 213 -5.91 6.24 14.68
N GLU A 214 -7.18 6.44 15.05
CA GLU A 214 -7.89 5.55 15.98
C GLU A 214 -8.15 4.16 15.41
N ALA A 215 -8.55 4.11 14.13
CA ALA A 215 -9.11 2.91 13.51
C ALA A 215 -8.32 1.58 13.70
N PRO A 216 -6.99 1.60 13.49
CA PRO A 216 -6.22 0.36 13.65
C PRO A 216 -6.24 -0.19 15.08
N SER A 217 -6.24 0.71 16.08
CA SER A 217 -6.29 0.30 17.49
C SER A 217 -7.58 -0.45 17.79
N PHE A 218 -8.62 -0.20 17.00
CA PHE A 218 -9.91 -0.92 17.07
C PHE A 218 -9.96 -2.13 16.14
N GLY A 219 -8.90 -2.32 15.35
CA GLY A 219 -8.85 -3.38 14.34
C GLY A 219 -9.89 -3.24 13.23
N LYS A 220 -10.27 -2.00 12.94
CA LYS A 220 -11.28 -1.73 11.92
C LYS A 220 -10.80 -0.73 10.87
N THR A 221 -11.29 -0.89 9.64
CA THR A 221 -11.08 0.09 8.57
C THR A 221 -11.88 1.34 8.92
N ILE A 222 -11.53 2.47 8.29
CA ILE A 222 -12.23 3.72 8.56
C ILE A 222 -13.69 3.63 8.13
N ALA A 223 -13.99 2.73 7.20
CA ALA A 223 -15.36 2.53 6.75
C ALA A 223 -16.22 1.86 7.82
N GLN A 224 -15.58 1.00 8.61
CA GLN A 224 -16.21 0.37 9.77
C GLN A 224 -16.20 1.33 10.97
N HIS A 225 -15.06 1.94 11.23
CA HIS A 225 -14.85 2.77 12.43
C HIS A 225 -15.59 4.13 12.39
N ALA A 226 -15.35 4.93 11.36
CA ALA A 226 -16.00 6.24 11.23
C ALA A 226 -16.31 6.60 9.77
N PRO A 227 -17.42 6.06 9.25
CA PRO A 227 -17.79 6.13 7.81
C PRO A 227 -18.08 7.52 7.24
N THR A 228 -18.40 8.50 8.09
CA THR A 228 -18.63 9.86 7.62
C THR A 228 -17.53 10.85 8.02
N SER A 229 -16.42 10.32 8.55
CA SER A 229 -15.30 11.16 8.94
C SER A 229 -14.49 11.67 7.72
N PRO A 230 -13.72 12.76 7.90
CA PRO A 230 -13.02 13.32 6.73
C PRO A 230 -12.14 12.30 5.99
N GLY A 231 -11.53 11.38 6.73
CA GLY A 231 -10.66 10.34 6.19
C GLY A 231 -11.37 9.28 5.38
N ALA A 232 -12.62 9.00 5.75
CA ALA A 232 -13.45 8.03 5.07
C ALA A 232 -13.85 8.55 3.68
N HIS A 233 -14.36 9.79 3.63
CA HIS A 233 -14.71 10.43 2.37
C HIS A 233 -13.50 10.50 1.44
N ALA A 234 -12.33 10.83 1.98
CA ALA A 234 -11.10 10.92 1.18
C ALA A 234 -10.67 9.58 0.58
N TYR A 235 -10.62 8.53 1.40
CA TYR A 235 -10.23 7.20 0.92
C TYR A 235 -11.21 6.58 -0.07
N ARG A 236 -12.49 6.90 0.07
CA ARG A 236 -13.51 6.49 -0.88
C ARG A 236 -13.27 7.15 -2.25
N ARG A 237 -12.97 8.46 -2.24
CA ARG A 237 -12.66 9.19 -3.46
C ARG A 237 -11.32 8.72 -4.04
N LEU A 238 -10.36 8.43 -3.17
CA LEU A 238 -9.08 7.90 -3.63
C LEU A 238 -9.25 6.58 -4.37
N ALA A 239 -10.06 5.68 -3.81
CA ALA A 239 -10.39 4.43 -4.51
C ALA A 239 -10.94 4.71 -5.91
N GLU A 240 -11.88 5.66 -6.02
CA GLU A 240 -12.37 6.11 -7.35
C GLU A 240 -11.21 6.65 -8.21
N GLU A 241 -10.33 7.46 -7.62
CA GLU A 241 -9.23 8.01 -8.40
C GLU A 241 -8.24 6.94 -8.85
N VAL A 242 -7.96 5.99 -7.96
CA VAL A 242 -7.09 4.86 -8.27
C VAL A 242 -7.69 4.03 -9.41
N MET A 243 -8.99 3.79 -9.35
CA MET A 243 -9.64 3.08 -10.46
C MET A 243 -9.57 3.83 -11.79
N ALA A 244 -9.79 5.14 -11.76
CA ALA A 244 -9.64 5.95 -12.96
C ALA A 244 -8.23 5.79 -13.58
N ARG A 245 -7.20 5.87 -12.75
CA ARG A 245 -5.81 5.72 -13.23
C ARG A 245 -5.49 4.33 -13.71
N VAL A 246 -6.03 3.31 -13.01
CA VAL A 246 -5.90 1.92 -13.47
C VAL A 246 -6.56 1.74 -14.86
N GLN A 247 -7.78 2.28 -15.02
CA GLN A 247 -8.52 2.21 -16.27
C GLN A 247 -7.83 2.94 -17.43
N GLU A 248 -7.19 4.06 -17.13
CA GLU A 248 -6.50 4.85 -18.16
C GLU A 248 -5.06 4.36 -18.41
N ALA A 249 -4.52 3.58 -17.48
CA ALA A 249 -3.20 2.97 -17.67
C ALA A 249 -3.28 1.85 -18.71
#